data_8S4B
#
_entry.id   8S4B
#
_cell.length_a   41.490
_cell.length_b   64.720
_cell.length_c   128.390
_cell.angle_alpha   90.00
_cell.angle_beta   90.00
_cell.angle_gamma   90.00
#
_symmetry.space_group_name_H-M   'P 21 21 21'
#
loop_
_entity.id
_entity.type
_entity.pdbx_description
1 polymer 'Diadenylate cyclase'
2 non-polymer (4-methoxycarbonylphenyl)methylazanium
3 water water
#
_entity_poly.entity_id   1
_entity_poly.type   'polypeptide(L)'
_entity_poly.pdbx_seq_one_letter_code
;GPLGSYGSRIEREQHHLIESIEKSTQYMAKRRIGALISVARDTGMDDYIETGIPLNAKISSQLLINIFIPNTPLHDGAVI
IKGNEIASAASYLPLSDSPFLSKELGTRHRAALGISEVTDSITIVVSEETGGISLTKGGELFRDVSEEELHKILLKELVT
VTAKKPSIFSKWKGGKSE
;
_entity_poly.pdbx_strand_id   A,B
#
loop_
_chem_comp.id
_chem_comp.type
_chem_comp.name
_chem_comp.formula
8G2 non-polymer (4-methoxycarbonylphenyl)methylazanium 'C9 H12 N O2 1'
#
# COMPACT_ATOMS: atom_id res chain seq x y z
N ILE A 10 0.59 1.83 -22.92
CA ILE A 10 1.92 1.26 -22.83
C ILE A 10 2.96 2.37 -22.61
N GLU A 11 2.96 3.36 -23.50
CA GLU A 11 3.86 4.50 -23.33
C GLU A 11 3.46 5.31 -22.10
N ARG A 12 2.16 5.42 -21.82
CA ARG A 12 1.70 6.14 -20.66
C ARG A 12 1.90 5.36 -19.37
N GLU A 13 1.93 4.03 -19.46
CA GLU A 13 2.27 3.22 -18.28
C GLU A 13 3.71 3.48 -17.84
N GLN A 14 4.63 3.57 -18.79
CA GLN A 14 6.03 3.81 -18.46
C GLN A 14 6.23 5.22 -17.90
N HIS A 15 5.58 6.21 -18.50
CA HIS A 15 5.74 7.58 -18.00
C HIS A 15 5.04 7.77 -16.66
N HIS A 16 3.91 7.10 -16.45
CA HIS A 16 3.29 7.10 -15.13
C HIS A 16 4.19 6.42 -14.10
N LEU A 17 4.86 5.34 -14.51
CA LEU A 17 5.84 4.70 -13.63
C LEU A 17 6.94 5.66 -13.24
N ILE A 18 7.44 6.44 -14.20
CA ILE A 18 8.50 7.41 -13.91
C ILE A 18 7.98 8.48 -12.95
N GLU A 19 6.79 9.03 -13.24
CA GLU A 19 6.22 10.05 -12.38
C GLU A 19 5.99 9.52 -10.97
N SER A 20 5.44 8.31 -10.85
CA SER A 20 5.20 7.73 -9.53
C SER A 20 6.49 7.61 -8.74
N ILE A 21 7.59 7.21 -9.39
CA ILE A 21 8.87 7.11 -8.70
C ILE A 21 9.38 8.49 -8.31
N GLU A 22 9.28 9.46 -9.23
CA GLU A 22 9.79 10.79 -8.95
C GLU A 22 9.04 11.44 -7.79
N LYS A 23 7.70 11.37 -7.83
CA LYS A 23 6.91 12.00 -6.78
C LYS A 23 7.10 11.31 -5.43
N SER A 24 7.16 9.97 -5.42
CA SER A 24 7.30 9.26 -4.16
C SER A 24 8.68 9.47 -3.56
N THR A 25 9.74 9.38 -4.37
CA THR A 25 11.09 9.56 -3.83
C THR A 25 11.31 10.99 -3.38
N GLN A 26 10.74 11.98 -4.07
CA GLN A 26 10.84 13.36 -3.62
C GLN A 26 10.10 13.58 -2.31
N TYR A 27 8.93 12.94 -2.17
CA TYR A 27 8.20 12.99 -0.91
C TYR A 27 9.03 12.42 0.23
N MET A 28 9.66 11.27 0.00
CA MET A 28 10.42 10.61 1.05
C MET A 28 11.77 11.27 1.29
N ALA A 29 12.38 11.82 0.24
CA ALA A 29 13.67 12.49 0.40
C ALA A 29 13.57 13.68 1.35
N LYS A 30 12.51 14.47 1.22
CA LYS A 30 12.34 15.64 2.08
C LYS A 30 12.00 15.26 3.51
N ARG A 31 11.57 14.03 3.76
CA ARG A 31 11.26 13.57 5.12
C ARG A 31 12.25 12.55 5.64
N ARG A 32 13.33 12.27 4.91
CA ARG A 32 14.35 11.31 5.32
C ARG A 32 13.73 9.94 5.59
N ILE A 33 12.91 9.49 4.65
CA ILE A 33 12.28 8.18 4.69
C ILE A 33 13.07 7.27 3.77
N GLY A 34 13.76 6.28 4.33
CA GLY A 34 14.52 5.34 3.54
C GLY A 34 13.65 4.54 2.60
N ALA A 35 14.08 4.42 1.34
CA ALA A 35 13.32 3.71 0.33
C ALA A 35 14.26 2.91 -0.55
N LEU A 36 13.71 1.88 -1.19
CA LEU A 36 14.49 0.99 -2.05
C LEU A 36 13.54 0.42 -3.08
N ILE A 37 13.66 0.88 -4.33
CA ILE A 37 12.73 0.53 -5.39
C ILE A 37 13.55 -0.03 -6.55
N SER A 38 13.30 -1.29 -6.91
CA SER A 38 13.98 -1.95 -8.01
C SER A 38 12.98 -2.21 -9.13
N VAL A 39 13.29 -1.74 -10.33
CA VAL A 39 12.42 -1.90 -11.49
C VAL A 39 13.04 -2.94 -12.41
N ALA A 40 12.38 -4.07 -12.56
CA ALA A 40 12.89 -5.14 -13.41
C ALA A 40 12.74 -4.77 -14.88
N ARG A 41 13.66 -5.30 -15.70
CA ARG A 41 13.57 -5.08 -17.14
C ARG A 41 13.65 -6.41 -17.89
N ASP A 42 14.76 -6.67 -18.58
CA ASP A 42 14.87 -7.89 -19.35
C ASP A 42 15.18 -9.11 -18.48
N THR A 43 15.93 -8.92 -17.40
CA THR A 43 16.28 -10.03 -16.51
C THR A 43 15.17 -10.23 -15.49
N GLY A 44 14.71 -11.48 -15.36
CA GLY A 44 13.65 -11.78 -14.43
C GLY A 44 14.12 -11.64 -12.99
N MET A 45 13.23 -11.12 -12.14
CA MET A 45 13.50 -10.96 -10.72
C MET A 45 12.49 -11.72 -9.86
N ASP A 46 11.84 -12.74 -10.43
CA ASP A 46 10.83 -13.48 -9.68
C ASP A 46 11.43 -14.16 -8.45
N ASP A 47 12.72 -14.51 -8.50
CA ASP A 47 13.36 -15.11 -7.35
C ASP A 47 13.35 -14.18 -6.14
N TYR A 48 13.57 -12.89 -6.37
CA TYR A 48 13.59 -11.92 -5.29
C TYR A 48 12.20 -11.38 -4.96
N ILE A 49 11.26 -11.44 -5.91
CA ILE A 49 9.87 -11.12 -5.61
C ILE A 49 9.30 -12.11 -4.58
N GLU A 50 9.71 -13.37 -4.69
CA GLU A 50 9.24 -14.39 -3.77
C GLU A 50 9.68 -14.15 -2.32
N THR A 51 10.67 -13.28 -2.11
CA THR A 51 11.16 -13.03 -0.76
C THR A 51 10.34 -11.98 -0.02
N GLY A 52 9.51 -11.22 -0.72
CA GLY A 52 8.73 -10.16 -0.12
C GLY A 52 7.28 -10.54 0.07
N ILE A 53 6.47 -9.53 0.37
CA ILE A 53 5.03 -9.68 0.54
C ILE A 53 4.37 -9.34 -0.79
N PRO A 54 3.61 -10.26 -1.39
CA PRO A 54 3.04 -9.98 -2.71
C PRO A 54 1.94 -8.93 -2.63
N LEU A 55 1.98 -7.98 -3.55
CA LEU A 55 0.95 -6.95 -3.66
C LEU A 55 0.21 -6.99 -4.98
N ASN A 56 0.93 -7.19 -6.09
CA ASN A 56 0.34 -7.20 -7.43
C ASN A 56 -0.58 -6.00 -7.63
N ALA A 57 -0.08 -4.83 -7.25
CA ALA A 57 -0.88 -3.62 -7.13
C ALA A 57 -0.54 -2.64 -8.26
N LYS A 58 -1.53 -1.84 -8.64
CA LYS A 58 -1.30 -0.79 -9.62
C LYS A 58 -0.26 0.19 -9.08
N ILE A 59 0.56 0.71 -9.98
CA ILE A 59 1.63 1.62 -9.60
C ILE A 59 1.05 2.99 -9.33
N SER A 60 1.40 3.56 -8.18
CA SER A 60 1.03 4.94 -7.86
C SER A 60 2.04 5.49 -6.86
N SER A 61 2.23 6.81 -6.91
CA SER A 61 3.13 7.45 -5.96
C SER A 61 2.59 7.34 -4.53
N GLN A 62 1.27 7.37 -4.37
CA GLN A 62 0.68 7.26 -3.04
C GLN A 62 0.99 5.91 -2.39
N LEU A 63 0.87 4.82 -3.16
CA LEU A 63 1.13 3.51 -2.60
C LEU A 63 2.61 3.32 -2.27
N LEU A 64 3.49 3.78 -3.16
CA LEU A 64 4.93 3.70 -2.88
C LEU A 64 5.26 4.42 -1.57
N ILE A 65 4.65 5.57 -1.34
CA ILE A 65 4.91 6.32 -0.11
C ILE A 65 4.40 5.56 1.11
N ASN A 66 3.18 5.04 1.02
CA ASN A 66 2.60 4.31 2.15
C ASN A 66 3.42 3.08 2.51
N ILE A 67 4.00 2.43 1.50
CA ILE A 67 4.76 1.19 1.75
C ILE A 67 5.96 1.48 2.65
N PHE A 68 6.72 2.53 2.34
CA PHE A 68 8.00 2.77 2.98
C PHE A 68 7.90 3.55 4.28
N ILE A 69 6.69 3.78 4.80
CA ILE A 69 6.57 4.43 6.11
C ILE A 69 7.26 3.55 7.15
N PRO A 70 8.16 4.10 7.97
CA PRO A 70 8.90 3.25 8.91
C PRO A 70 8.00 2.64 9.97
N ASN A 71 8.48 1.53 10.53
CA ASN A 71 7.78 0.78 11.57
C ASN A 71 6.42 0.27 11.09
N THR A 72 6.37 -0.13 9.83
CA THR A 72 5.17 -0.69 9.21
C THR A 72 5.52 -2.03 8.58
N PRO A 73 4.53 -2.91 8.39
CA PRO A 73 4.83 -4.25 7.88
C PRO A 73 5.49 -4.27 6.50
N LEU A 74 5.15 -3.34 5.62
CA LEU A 74 5.60 -3.41 4.24
C LEU A 74 6.92 -2.68 3.98
N HIS A 75 7.52 -2.05 4.99
CA HIS A 75 8.63 -1.14 4.74
C HIS A 75 9.99 -1.82 4.79
N ASP A 76 10.14 -2.88 5.58
CA ASP A 76 11.45 -3.48 5.84
C ASP A 76 11.87 -4.33 4.66
N GLY A 77 12.46 -3.70 3.66
CA GLY A 77 12.91 -4.40 2.47
C GLY A 77 12.75 -3.51 1.25
N ALA A 78 12.75 -4.15 0.09
CA ALA A 78 12.70 -3.47 -1.19
C ALA A 78 11.36 -3.69 -1.88
N VAL A 79 10.94 -2.69 -2.64
CA VAL A 79 9.80 -2.81 -3.53
C VAL A 79 10.31 -3.21 -4.91
N ILE A 80 9.74 -4.28 -5.46
CA ILE A 80 10.08 -4.75 -6.80
C ILE A 80 8.91 -4.47 -7.73
N ILE A 81 9.20 -3.78 -8.83
CA ILE A 81 8.19 -3.43 -9.83
C ILE A 81 8.44 -4.30 -11.06
N LYS A 82 7.43 -5.05 -11.47
CA LYS A 82 7.52 -5.93 -12.62
C LYS A 82 6.39 -5.61 -13.59
N GLY A 83 6.73 -5.44 -14.85
CA GLY A 83 5.75 -5.12 -15.87
C GLY A 83 5.06 -3.79 -15.63
N ASN A 84 3.83 -3.84 -15.10
CA ASN A 84 3.06 -2.65 -14.81
C ASN A 84 2.46 -2.72 -13.41
N GLU A 85 3.14 -3.39 -12.48
CA GLU A 85 2.62 -3.60 -11.14
C GLU A 85 3.75 -3.47 -10.13
N ILE A 86 3.38 -3.01 -8.92
CA ILE A 86 4.21 -3.23 -7.74
C ILE A 86 4.05 -4.70 -7.37
N ALA A 87 5.03 -5.53 -7.74
CA ALA A 87 4.88 -6.96 -7.57
C ALA A 87 4.93 -7.36 -6.09
N SER A 88 5.87 -6.80 -5.35
CA SER A 88 6.04 -7.17 -3.95
C SER A 88 6.67 -6.03 -3.20
N ALA A 89 6.55 -6.08 -1.88
CA ALA A 89 7.18 -5.14 -0.98
C ALA A 89 7.95 -5.91 0.09
N ALA A 90 8.84 -5.21 0.78
CA ALA A 90 9.69 -5.81 1.81
C ALA A 90 10.45 -7.02 1.24
N SER A 91 10.97 -6.87 0.03
CA SER A 91 11.67 -7.96 -0.63
C SER A 91 13.18 -7.88 -0.36
N TYR A 92 13.83 -9.03 -0.43
CA TYR A 92 15.27 -9.10 -0.23
C TYR A 92 16.00 -8.77 -1.53
N LEU A 93 17.12 -8.05 -1.39
CA LEU A 93 18.03 -7.81 -2.49
C LEU A 93 19.44 -8.21 -2.06
N PRO A 94 20.22 -8.85 -2.93
CA PRO A 94 21.53 -9.35 -2.52
C PRO A 94 22.51 -8.21 -2.29
N LEU A 95 23.35 -8.37 -1.27
CA LEU A 95 24.33 -7.37 -0.90
C LEU A 95 25.59 -7.55 -1.74
N SER A 96 26.01 -6.49 -2.41
CA SER A 96 27.26 -6.52 -3.15
C SER A 96 28.43 -6.65 -2.19
N ASP A 97 29.48 -7.34 -2.66
CA ASP A 97 30.71 -7.49 -1.91
C ASP A 97 31.75 -6.43 -2.27
N SER A 98 31.36 -5.43 -3.05
CA SER A 98 32.29 -4.44 -3.55
C SER A 98 32.89 -3.62 -2.41
N PRO A 99 34.22 -3.59 -2.26
CA PRO A 99 34.83 -2.67 -1.29
C PRO A 99 34.93 -1.24 -1.80
N PHE A 100 34.62 -1.00 -3.07
CA PHE A 100 34.66 0.35 -3.63
C PHE A 100 33.50 1.21 -3.13
N LEU A 101 32.40 0.59 -2.72
CA LEU A 101 31.26 1.34 -2.22
C LEU A 101 31.63 2.06 -0.93
N SER A 102 31.30 3.36 -0.88
CA SER A 102 31.67 4.19 0.25
C SER A 102 31.06 3.64 1.54
N LYS A 103 31.84 3.69 2.62
CA LYS A 103 31.34 3.28 3.93
C LYS A 103 30.34 4.28 4.50
N GLU A 104 30.20 5.46 3.89
CA GLU A 104 29.17 6.40 4.33
C GLU A 104 27.78 5.90 4.00
N LEU A 105 27.64 5.07 2.97
CA LEU A 105 26.35 4.59 2.54
C LEU A 105 25.92 3.38 3.36
N GLY A 106 24.63 3.05 3.27
CA GLY A 106 24.02 2.04 4.08
C GLY A 106 23.70 0.77 3.32
N THR A 107 22.93 -0.11 3.99
CA THR A 107 22.59 -1.40 3.42
C THR A 107 21.72 -1.27 2.17
N ARG A 108 20.84 -0.27 2.13
CA ARG A 108 20.03 -0.06 0.94
C ARG A 108 20.89 0.17 -0.29
N HIS A 109 21.95 0.96 -0.14
CA HIS A 109 22.83 1.23 -1.28
C HIS A 109 23.58 -0.03 -1.70
N ARG A 110 24.07 -0.81 -0.72
CA ARG A 110 24.77 -2.05 -1.04
C ARG A 110 23.81 -3.08 -1.65
N ALA A 111 22.56 -3.10 -1.18
CA ALA A 111 21.58 -4.01 -1.76
C ALA A 111 21.21 -3.59 -3.17
N ALA A 112 21.07 -2.29 -3.42
CA ALA A 112 20.83 -1.81 -4.77
C ALA A 112 22.01 -2.13 -5.68
N LEU A 113 23.23 -1.90 -5.19
CA LEU A 113 24.42 -2.26 -5.97
C LEU A 113 24.44 -3.75 -6.27
N GLY A 114 24.07 -4.57 -5.29
CA GLY A 114 24.14 -6.02 -5.47
C GLY A 114 23.23 -6.50 -6.59
N ILE A 115 21.97 -6.06 -6.59
CA ILE A 115 21.03 -6.51 -7.61
C ILE A 115 21.41 -5.95 -8.98
N SER A 116 22.03 -4.76 -9.01
CA SER A 116 22.48 -4.19 -10.27
C SER A 116 23.60 -4.99 -10.91
N GLU A 117 24.33 -5.77 -10.12
CA GLU A 117 25.43 -6.57 -10.65
C GLU A 117 24.95 -7.87 -11.30
N VAL A 118 23.82 -8.40 -10.85
CA VAL A 118 23.32 -9.68 -11.33
C VAL A 118 22.08 -9.53 -12.21
N THR A 119 21.55 -8.32 -12.35
CA THR A 119 20.39 -8.08 -13.20
C THR A 119 20.60 -6.77 -13.95
N ASP A 120 19.81 -6.58 -15.01
CA ASP A 120 19.74 -5.29 -15.71
C ASP A 120 18.64 -4.40 -15.16
N SER A 121 18.30 -4.56 -13.88
N SER A 121 18.29 -4.56 -13.88
CA SER A 121 17.22 -3.79 -13.29
CA SER A 121 17.22 -3.78 -13.29
C SER A 121 17.71 -2.39 -12.90
C SER A 121 17.71 -2.39 -12.91
N ILE A 122 16.77 -1.45 -12.87
CA ILE A 122 17.03 -0.08 -12.44
C ILE A 122 16.52 0.05 -11.02
N THR A 123 17.42 0.43 -10.10
CA THR A 123 17.08 0.48 -8.68
C THR A 123 17.29 1.88 -8.13
N ILE A 124 16.34 2.34 -7.33
CA ILE A 124 16.33 3.68 -6.76
C ILE A 124 16.44 3.57 -5.25
N VAL A 125 17.28 4.40 -4.64
CA VAL A 125 17.48 4.42 -3.21
C VAL A 125 17.23 5.83 -2.68
N VAL A 126 16.59 5.92 -1.53
CA VAL A 126 16.47 7.17 -0.78
C VAL A 126 17.13 6.96 0.57
N SER A 127 18.18 7.72 0.84
CA SER A 127 18.90 7.59 2.10
C SER A 127 18.03 8.11 3.24
N GLU A 128 17.88 7.31 4.30
CA GLU A 128 17.18 7.77 5.49
C GLU A 128 18.06 8.64 6.38
N GLU A 129 19.36 8.70 6.10
CA GLU A 129 20.27 9.56 6.84
C GLU A 129 20.39 10.96 6.23
N THR A 130 20.51 11.04 4.90
CA THR A 130 20.76 12.30 4.22
C THR A 130 19.61 12.76 3.33
N GLY A 131 18.70 11.86 2.95
CA GLY A 131 17.66 12.19 2.00
C GLY A 131 18.10 12.15 0.56
N GLY A 132 19.37 11.91 0.27
CA GLY A 132 19.82 11.86 -1.10
C GLY A 132 19.26 10.67 -1.86
N ILE A 133 19.06 10.87 -3.15
CA ILE A 133 18.51 9.85 -4.04
C ILE A 133 19.64 9.27 -4.87
N SER A 134 19.82 7.96 -4.81
CA SER A 134 20.85 7.28 -5.56
C SER A 134 20.22 6.33 -6.57
N LEU A 135 21.05 5.82 -7.48
CA LEU A 135 20.60 5.01 -8.60
C LEU A 135 21.70 3.99 -8.91
N THR A 136 21.30 2.74 -9.11
CA THR A 136 22.24 1.69 -9.51
C THR A 136 21.76 1.03 -10.79
N LYS A 137 22.72 0.67 -11.64
CA LYS A 137 22.43 0.04 -12.94
C LYS A 137 23.70 -0.61 -13.45
N GLY A 138 23.64 -1.90 -13.73
CA GLY A 138 24.76 -2.61 -14.32
C GLY A 138 26.04 -2.55 -13.51
N GLY A 139 25.93 -2.58 -12.19
CA GLY A 139 27.10 -2.50 -11.33
C GLY A 139 27.59 -1.11 -11.02
N GLU A 140 27.03 -0.08 -11.66
CA GLU A 140 27.42 1.30 -11.40
C GLU A 140 26.47 1.94 -10.40
N LEU A 141 27.00 2.94 -9.69
CA LEU A 141 26.23 3.70 -8.71
C LEU A 141 26.25 5.17 -9.11
N PHE A 142 25.06 5.75 -9.27
CA PHE A 142 24.90 7.19 -9.49
C PHE A 142 24.40 7.79 -8.18
N ARG A 143 25.32 8.40 -7.42
CA ARG A 143 25.06 8.75 -6.04
C ARG A 143 24.58 10.19 -5.92
N ASP A 144 23.48 10.38 -5.18
CA ASP A 144 22.99 11.72 -4.80
C ASP A 144 22.63 12.54 -6.03
N VAL A 145 21.81 11.96 -6.90
CA VAL A 145 21.44 12.61 -8.15
C VAL A 145 20.37 13.66 -7.89
N SER A 146 20.40 14.72 -8.68
CA SER A 146 19.38 15.75 -8.62
C SER A 146 18.10 15.27 -9.28
N GLU A 147 17.05 16.09 -9.16
CA GLU A 147 15.77 15.74 -9.78
C GLU A 147 15.88 15.71 -11.29
N GLU A 148 16.62 16.68 -11.87
CA GLU A 148 16.82 16.69 -13.31
C GLU A 148 17.62 15.47 -13.76
N GLU A 149 18.64 15.08 -12.96
CA GLU A 149 19.41 13.89 -13.27
C GLU A 149 18.53 12.64 -13.23
N LEU A 150 17.81 12.45 -12.12
CA LEU A 150 16.95 11.28 -11.98
C LEU A 150 15.92 11.22 -13.10
N HIS A 151 15.41 12.38 -13.53
CA HIS A 151 14.41 12.42 -14.58
C HIS A 151 14.97 11.89 -15.90
N LYS A 152 16.16 12.36 -16.28
CA LYS A 152 16.72 11.94 -17.57
C LYS A 152 17.12 10.47 -17.55
N ILE A 153 17.65 9.98 -16.42
CA ILE A 153 18.04 8.58 -16.34
C ILE A 153 16.82 7.67 -16.46
N LEU A 154 15.75 8.00 -15.73
CA LEU A 154 14.55 7.17 -15.77
C LEU A 154 13.93 7.18 -17.15
N LEU A 155 13.97 8.32 -17.85
CA LEU A 155 13.45 8.38 -19.22
C LEU A 155 14.24 7.46 -20.15
N LYS A 156 15.58 7.55 -20.10
CA LYS A 156 16.41 6.77 -21.00
C LYS A 156 16.29 5.28 -20.73
N GLU A 157 16.15 4.89 -19.46
CA GLU A 157 16.25 3.49 -19.08
C GLU A 157 14.91 2.79 -18.91
N LEU A 158 13.81 3.54 -18.74
CA LEU A 158 12.50 2.92 -18.55
C LEU A 158 11.55 3.13 -19.73
N VAL A 159 11.71 4.21 -20.49
CA VAL A 159 10.89 4.43 -21.68
C VAL A 159 11.56 3.75 -22.86
N THR A 160 10.90 2.76 -23.43
CA THR A 160 11.44 2.01 -24.56
C THR A 160 10.52 2.10 -25.78
N ILE B 10 -12.31 -20.74 -3.90
CA ILE B 10 -13.50 -19.95 -3.61
C ILE B 10 -13.73 -19.87 -2.10
N GLU B 11 -13.81 -21.04 -1.46
CA GLU B 11 -13.92 -21.07 0.00
C GLU B 11 -12.67 -20.47 0.65
N ARG B 12 -11.50 -20.74 0.07
CA ARG B 12 -10.26 -20.23 0.64
C ARG B 12 -10.15 -18.71 0.51
N GLU B 13 -10.67 -18.15 -0.58
CA GLU B 13 -10.64 -16.70 -0.75
C GLU B 13 -11.45 -16.00 0.33
N GLN B 14 -12.61 -16.57 0.70
CA GLN B 14 -13.41 -15.99 1.76
C GLN B 14 -12.73 -16.12 3.12
N HIS B 15 -12.03 -17.24 3.33
CA HIS B 15 -11.28 -17.43 4.58
C HIS B 15 -10.17 -16.38 4.70
N HIS B 16 -9.37 -16.22 3.65
CA HIS B 16 -8.29 -15.24 3.68
C HIS B 16 -8.83 -13.83 3.86
N LEU B 17 -9.94 -13.51 3.19
CA LEU B 17 -10.51 -12.16 3.29
C LEU B 17 -10.90 -11.84 4.73
N ILE B 18 -11.58 -12.78 5.39
CA ILE B 18 -11.99 -12.56 6.79
C ILE B 18 -10.77 -12.49 7.68
N GLU B 19 -9.82 -13.39 7.50
CA GLU B 19 -8.61 -13.38 8.32
C GLU B 19 -7.82 -12.09 8.12
N SER B 20 -7.70 -11.64 6.87
CA SER B 20 -6.99 -10.38 6.61
C SER B 20 -7.67 -9.21 7.29
N ILE B 21 -9.01 -9.21 7.32
CA ILE B 21 -9.74 -8.13 7.95
C ILE B 21 -9.56 -8.18 9.47
N GLU B 22 -9.67 -9.36 10.06
CA GLU B 22 -9.58 -9.47 11.51
C GLU B 22 -8.18 -9.14 12.01
N LYS B 23 -7.14 -9.63 11.32
CA LYS B 23 -5.78 -9.35 11.75
C LYS B 23 -5.44 -7.87 11.62
N SER B 24 -5.81 -7.26 10.48
CA SER B 24 -5.49 -5.85 10.26
C SER B 24 -6.20 -4.96 11.27
N THR B 25 -7.49 -5.19 11.48
CA THR B 25 -8.26 -4.35 12.40
C THR B 25 -7.80 -4.54 13.84
N GLN B 26 -7.41 -5.77 14.21
CA GLN B 26 -6.88 -5.99 15.56
C GLN B 26 -5.58 -5.21 15.77
N TYR B 27 -4.72 -5.19 14.75
CA TYR B 27 -3.50 -4.40 14.83
C TYR B 27 -3.80 -2.92 15.02
N MET B 28 -4.73 -2.39 14.20
CA MET B 28 -5.01 -0.96 14.23
C MET B 28 -5.81 -0.57 15.47
N ALA B 29 -6.66 -1.48 15.97
CA ALA B 29 -7.45 -1.17 17.15
C ALA B 29 -6.56 -0.98 18.38
N LYS B 30 -5.53 -1.81 18.52
CA LYS B 30 -4.61 -1.70 19.64
C LYS B 30 -3.74 -0.45 19.58
N ARG B 31 -3.74 0.26 18.45
CA ARG B 31 -2.91 1.45 18.28
C ARG B 31 -3.73 2.69 17.97
N ARG B 32 -5.05 2.64 18.18
CA ARG B 32 -5.94 3.78 17.95
C ARG B 32 -5.78 4.34 16.54
N ILE B 33 -5.65 3.44 15.57
CA ILE B 33 -5.48 3.81 14.17
C ILE B 33 -6.84 3.74 13.48
N GLY B 34 -7.32 4.87 12.99
CA GLY B 34 -8.59 4.90 12.30
C GLY B 34 -8.54 4.13 10.99
N ALA B 35 -9.60 3.38 10.72
CA ALA B 35 -9.68 2.55 9.53
C ALA B 35 -11.12 2.55 9.00
N LEU B 36 -11.25 2.25 7.71
CA LEU B 36 -12.54 2.31 7.03
C LEU B 36 -12.47 1.35 5.84
N ILE B 37 -12.91 0.11 6.06
CA ILE B 37 -12.86 -0.93 5.03
C ILE B 37 -14.27 -1.31 4.65
N SER B 38 -14.63 -1.05 3.40
CA SER B 38 -15.94 -1.39 2.85
C SER B 38 -15.79 -2.57 1.89
N VAL B 39 -16.49 -3.66 2.19
CA VAL B 39 -16.43 -4.87 1.38
C VAL B 39 -17.71 -4.94 0.56
N ALA B 40 -17.59 -4.81 -0.76
CA ALA B 40 -18.75 -4.80 -1.63
C ALA B 40 -19.34 -6.22 -1.75
N ARG B 41 -20.65 -6.27 -2.02
CA ARG B 41 -21.31 -7.55 -2.21
C ARG B 41 -22.09 -7.56 -3.52
N ASP B 42 -23.42 -7.73 -3.45
CA ASP B 42 -24.20 -7.91 -4.66
C ASP B 42 -24.41 -6.60 -5.41
N THR B 43 -24.40 -5.47 -4.71
CA THR B 43 -24.72 -4.19 -5.33
C THR B 43 -23.69 -3.79 -6.38
N GLY B 44 -22.48 -3.46 -5.94
CA GLY B 44 -21.47 -2.94 -6.84
C GLY B 44 -21.19 -1.48 -6.55
N MET B 45 -19.97 -1.18 -6.14
CA MET B 45 -19.57 0.17 -5.73
C MET B 45 -18.56 0.77 -6.69
N ASP B 46 -18.80 0.63 -7.99
CA ASP B 46 -17.85 1.11 -8.99
C ASP B 46 -17.59 2.60 -8.85
N ASP B 47 -18.67 3.40 -8.77
CA ASP B 47 -18.51 4.84 -8.72
C ASP B 47 -17.75 5.30 -7.48
N TYR B 48 -17.79 4.49 -6.41
CA TYR B 48 -17.07 4.83 -5.19
C TYR B 48 -15.63 4.37 -5.21
N ILE B 49 -15.29 3.40 -6.07
CA ILE B 49 -13.89 3.03 -6.25
C ILE B 49 -13.14 4.12 -7.01
N GLU B 50 -13.82 4.83 -7.90
CA GLU B 50 -13.14 5.84 -8.71
C GLU B 50 -12.69 7.02 -7.87
N THR B 51 -13.34 7.27 -6.73
CA THR B 51 -13.05 8.47 -5.94
C THR B 51 -11.68 8.41 -5.27
N GLY B 52 -11.08 7.23 -5.16
CA GLY B 52 -9.82 7.06 -4.48
C GLY B 52 -8.68 6.70 -5.41
N ILE B 53 -7.60 6.20 -4.83
CA ILE B 53 -6.42 5.77 -5.57
C ILE B 53 -6.60 4.30 -5.93
N PRO B 54 -6.66 3.96 -7.22
CA PRO B 54 -6.86 2.56 -7.60
C PRO B 54 -5.64 1.72 -7.26
N LEU B 55 -5.87 0.62 -6.54
CA LEU B 55 -4.81 -0.32 -6.19
C LEU B 55 -4.93 -1.63 -6.96
N ASN B 56 -6.12 -2.24 -6.98
CA ASN B 56 -6.32 -3.56 -7.59
C ASN B 56 -5.29 -4.55 -7.07
N ALA B 57 -5.12 -4.56 -5.76
CA ALA B 57 -4.03 -5.27 -5.10
C ALA B 57 -4.50 -6.58 -4.49
N LYS B 58 -3.53 -7.46 -4.24
CA LYS B 58 -3.81 -8.67 -3.48
C LYS B 58 -4.17 -8.30 -2.04
N ILE B 59 -5.16 -8.99 -1.50
CA ILE B 59 -5.63 -8.72 -0.14
C ILE B 59 -4.64 -9.32 0.85
N SER B 60 -4.10 -8.48 1.73
CA SER B 60 -3.23 -8.96 2.81
C SER B 60 -3.46 -8.07 4.01
N SER B 61 -3.21 -8.63 5.20
CA SER B 61 -3.31 -7.84 6.42
C SER B 61 -2.23 -6.78 6.47
N GLN B 62 -1.04 -7.07 5.92
CA GLN B 62 0.05 -6.11 5.94
C GLN B 62 -0.29 -4.86 5.12
N LEU B 63 -0.84 -5.06 3.92
CA LEU B 63 -1.18 -3.92 3.08
C LEU B 63 -2.29 -3.07 3.69
N LEU B 64 -3.31 -3.72 4.27
CA LEU B 64 -4.38 -2.97 4.92
C LEU B 64 -3.85 -2.12 6.07
N ILE B 65 -2.87 -2.64 6.80
CA ILE B 65 -2.26 -1.88 7.89
C ILE B 65 -1.54 -0.65 7.34
N ASN B 66 -0.73 -0.84 6.29
CA ASN B 66 0.06 0.25 5.75
C ASN B 66 -0.81 1.36 5.16
N ILE B 67 -2.01 1.00 4.68
CA ILE B 67 -2.86 2.01 4.03
C ILE B 67 -3.36 3.02 5.05
N PHE B 68 -3.80 2.57 6.21
CA PHE B 68 -4.43 3.44 7.20
C PHE B 68 -3.43 4.09 8.16
N ILE B 69 -2.13 3.98 7.88
CA ILE B 69 -1.14 4.64 8.74
C ILE B 69 -1.39 6.15 8.73
N PRO B 70 -1.43 6.82 9.87
CA PRO B 70 -1.80 8.25 9.89
C PRO B 70 -0.81 9.10 9.11
N ASN B 71 -1.31 10.22 8.60
CA ASN B 71 -0.52 11.22 7.87
C ASN B 71 0.10 10.63 6.60
N THR B 72 -0.55 9.65 6.01
CA THR B 72 -0.10 9.05 4.77
C THR B 72 -1.08 9.37 3.64
N PRO B 73 -0.62 9.31 2.38
CA PRO B 73 -1.50 9.66 1.26
C PRO B 73 -2.73 8.76 1.12
N LEU B 74 -2.76 7.60 1.78
CA LEU B 74 -3.85 6.65 1.58
C LEU B 74 -4.80 6.53 2.76
N HIS B 75 -4.46 7.10 3.93
CA HIS B 75 -5.27 6.86 5.12
C HIS B 75 -6.56 7.68 5.12
N ASP B 76 -6.63 8.76 4.35
CA ASP B 76 -7.77 9.69 4.41
C ASP B 76 -8.85 9.22 3.43
N GLY B 77 -9.62 8.25 3.87
CA GLY B 77 -10.71 7.74 3.06
C GLY B 77 -10.99 6.28 3.40
N ALA B 78 -11.60 5.59 2.44
CA ALA B 78 -12.06 4.22 2.62
C ALA B 78 -11.32 3.28 1.68
N VAL B 79 -10.97 2.11 2.20
CA VAL B 79 -10.55 1.00 1.36
C VAL B 79 -11.78 0.26 0.89
N ILE B 80 -11.87 0.00 -0.41
CA ILE B 80 -12.99 -0.73 -0.99
C ILE B 80 -12.45 -2.07 -1.50
N ILE B 81 -13.01 -3.16 -0.98
CA ILE B 81 -12.66 -4.51 -1.41
C ILE B 81 -13.74 -4.99 -2.36
N LYS B 82 -13.36 -5.30 -3.59
CA LYS B 82 -14.26 -5.85 -4.58
C LYS B 82 -13.62 -7.10 -5.19
N GLY B 83 -14.43 -8.13 -5.40
CA GLY B 83 -13.90 -9.38 -5.90
C GLY B 83 -12.91 -9.95 -4.90
N ASN B 84 -11.73 -10.31 -5.40
CA ASN B 84 -10.63 -10.80 -4.57
C ASN B 84 -9.50 -9.80 -4.46
N GLU B 85 -9.78 -8.52 -4.71
CA GLU B 85 -8.76 -7.49 -4.73
C GLU B 85 -9.15 -6.32 -3.83
N ILE B 86 -8.12 -5.67 -3.29
CA ILE B 86 -8.27 -4.34 -2.70
C ILE B 86 -8.39 -3.37 -3.86
N ALA B 87 -9.63 -2.97 -4.18
CA ALA B 87 -9.87 -2.18 -5.39
C ALA B 87 -9.21 -0.81 -5.30
N SER B 88 -9.39 -0.12 -4.17
CA SER B 88 -8.87 1.24 -4.05
C SER B 88 -8.71 1.59 -2.57
N ALA B 89 -8.00 2.68 -2.33
CA ALA B 89 -7.84 3.25 -1.00
C ALA B 89 -8.15 4.74 -1.07
N ALA B 90 -8.30 5.36 0.11
CA ALA B 90 -8.61 6.78 0.21
C ALA B 90 -9.85 7.15 -0.59
N SER B 91 -10.79 6.21 -0.73
CA SER B 91 -12.02 6.47 -1.45
C SER B 91 -13.03 7.17 -0.55
N TYR B 92 -13.99 7.84 -1.17
CA TYR B 92 -15.01 8.59 -0.46
C TYR B 92 -16.35 7.89 -0.58
N LEU B 93 -17.00 7.69 0.56
CA LEU B 93 -18.31 7.07 0.70
C LEU B 93 -19.36 8.13 1.04
N PRO B 94 -20.63 7.88 0.71
CA PRO B 94 -21.67 8.84 1.09
C PRO B 94 -21.78 8.97 2.61
N LEU B 95 -22.06 10.19 3.06
CA LEU B 95 -22.25 10.46 4.48
C LEU B 95 -23.72 10.37 4.85
N SER B 96 -24.01 9.58 5.89
CA SER B 96 -25.38 9.43 6.37
C SER B 96 -25.80 10.65 7.17
N ASP B 97 -27.03 11.11 6.95
CA ASP B 97 -27.60 12.19 7.74
C ASP B 97 -28.34 11.68 8.97
N SER B 98 -28.02 10.48 9.43
CA SER B 98 -28.78 9.86 10.51
C SER B 98 -28.63 10.65 11.80
N PRO B 99 -29.73 10.97 12.49
CA PRO B 99 -29.62 11.60 13.81
C PRO B 99 -29.37 10.62 14.94
N PHE B 100 -29.47 9.31 14.67
CA PHE B 100 -29.33 8.30 15.71
C PHE B 100 -27.89 7.85 15.90
N LEU B 101 -27.02 8.08 14.92
CA LEU B 101 -25.61 7.80 15.08
C LEU B 101 -25.04 8.66 16.20
N SER B 102 -24.36 8.00 17.15
CA SER B 102 -23.89 8.70 18.34
C SER B 102 -22.98 9.85 17.97
N LYS B 103 -23.16 10.99 18.66
CA LYS B 103 -22.43 12.20 18.31
C LYS B 103 -20.93 12.04 18.48
N GLU B 104 -20.49 11.13 19.35
CA GLU B 104 -19.07 10.95 19.60
C GLU B 104 -18.38 10.12 18.52
N LEU B 105 -19.11 9.70 17.49
CA LEU B 105 -18.51 8.98 16.37
C LEU B 105 -18.16 9.96 15.25
N GLY B 106 -17.03 9.72 14.60
CA GLY B 106 -16.48 10.65 13.64
C GLY B 106 -16.94 10.41 12.22
N THR B 107 -16.22 11.03 11.29
CA THR B 107 -16.58 10.96 9.88
C THR B 107 -16.54 9.53 9.35
N ARG B 108 -15.62 8.71 9.87
CA ARG B 108 -15.49 7.34 9.37
C ARG B 108 -16.75 6.53 9.60
N HIS B 109 -17.34 6.64 10.80
CA HIS B 109 -18.57 5.90 11.08
C HIS B 109 -19.73 6.41 10.23
N ARG B 110 -19.81 7.74 10.06
CA ARG B 110 -20.90 8.30 9.26
C ARG B 110 -20.77 7.93 7.79
N ALA B 111 -19.54 7.81 7.28
CA ALA B 111 -19.35 7.35 5.90
C ALA B 111 -19.64 5.86 5.79
N ALA B 112 -19.27 5.08 6.80
CA ALA B 112 -19.61 3.66 6.79
C ALA B 112 -21.11 3.47 6.87
N LEU B 113 -21.81 4.32 7.64
CA LEU B 113 -23.26 4.22 7.70
C LEU B 113 -23.89 4.62 6.37
N GLY B 114 -23.36 5.66 5.73
CA GLY B 114 -23.95 6.14 4.50
C GLY B 114 -23.84 5.16 3.35
N ILE B 115 -22.73 4.42 3.28
CA ILE B 115 -22.59 3.44 2.21
C ILE B 115 -23.52 2.25 2.45
N SER B 116 -23.76 1.89 3.70
CA SER B 116 -24.66 0.78 4.00
C SER B 116 -26.11 1.13 3.69
N GLU B 117 -26.45 2.41 3.58
CA GLU B 117 -27.81 2.83 3.29
C GLU B 117 -28.15 2.75 1.81
N VAL B 118 -27.14 2.76 0.94
CA VAL B 118 -27.34 2.71 -0.51
C VAL B 118 -26.74 1.47 -1.15
N THR B 119 -26.02 0.65 -0.39
CA THR B 119 -25.49 -0.61 -0.90
C THR B 119 -25.71 -1.71 0.15
N ASP B 120 -25.62 -2.95 -0.31
CA ASP B 120 -25.64 -4.11 0.57
C ASP B 120 -24.26 -4.51 1.04
N SER B 121 -23.28 -3.60 0.93
CA SER B 121 -21.92 -3.91 1.31
C SER B 121 -21.79 -3.98 2.83
N ILE B 122 -20.75 -4.67 3.28
CA ILE B 122 -20.38 -4.75 4.68
C ILE B 122 -19.16 -3.87 4.90
N THR B 123 -19.22 -3.00 5.90
CA THR B 123 -18.16 -2.04 6.15
C THR B 123 -17.67 -2.17 7.60
N ILE B 124 -16.35 -2.11 7.76
CA ILE B 124 -15.70 -2.24 9.06
C ILE B 124 -15.05 -0.91 9.40
N VAL B 125 -15.16 -0.51 10.66
CA VAL B 125 -14.60 0.75 11.15
C VAL B 125 -13.74 0.47 12.37
N VAL B 126 -12.59 1.16 12.44
CA VAL B 126 -11.76 1.19 13.64
C VAL B 126 -11.69 2.64 14.10
N SER B 127 -12.12 2.88 15.33
CA SER B 127 -12.10 4.24 15.87
C SER B 127 -10.68 4.66 16.22
N GLU B 128 -10.25 5.79 15.68
CA GLU B 128 -8.95 6.34 16.03
C GLU B 128 -8.95 6.99 17.41
N GLU B 129 -10.12 7.17 18.02
CA GLU B 129 -10.22 7.76 19.35
C GLU B 129 -10.26 6.71 20.45
N THR B 130 -11.01 5.62 20.24
CA THR B 130 -11.19 4.60 21.27
C THR B 130 -10.58 3.25 20.91
N GLY B 131 -10.30 3.00 19.64
CA GLY B 131 -9.85 1.68 19.22
C GLY B 131 -10.95 0.65 19.07
N GLY B 132 -12.21 1.04 19.26
CA GLY B 132 -13.30 0.10 19.07
C GLY B 132 -13.55 -0.18 17.61
N ILE B 133 -14.06 -1.39 17.34
CA ILE B 133 -14.39 -1.83 15.99
C ILE B 133 -15.90 -1.78 15.81
N SER B 134 -16.34 -1.28 14.66
CA SER B 134 -17.76 -1.16 14.36
C SER B 134 -18.05 -1.73 12.99
N LEU B 135 -19.32 -2.06 12.76
CA LEU B 135 -19.79 -2.62 11.51
C LEU B 135 -21.07 -1.90 11.09
N THR B 136 -21.24 -1.74 9.78
CA THR B 136 -22.45 -1.12 9.22
C THR B 136 -23.04 -2.03 8.17
N LYS B 137 -24.36 -2.23 8.22
CA LYS B 137 -25.07 -2.99 7.21
C LYS B 137 -26.51 -2.49 7.15
N GLY B 138 -27.01 -2.29 5.93
CA GLY B 138 -28.41 -1.96 5.74
C GLY B 138 -28.90 -0.77 6.53
N GLY B 139 -28.08 0.28 6.63
CA GLY B 139 -28.48 1.48 7.32
C GLY B 139 -28.36 1.44 8.83
N GLU B 140 -27.66 0.45 9.38
CA GLU B 140 -27.53 0.31 10.82
C GLU B 140 -26.06 0.09 11.18
N LEU B 141 -25.72 0.41 12.43
CA LEU B 141 -24.35 0.30 12.90
C LEU B 141 -24.30 -0.54 14.17
N PHE B 142 -23.37 -1.50 14.19
CA PHE B 142 -23.06 -2.27 15.39
C PHE B 142 -21.75 -1.73 15.96
N ARG B 143 -21.82 -1.17 17.16
CA ARG B 143 -20.70 -0.42 17.73
C ARG B 143 -19.93 -1.25 18.74
N ASP B 144 -18.60 -1.12 18.71
CA ASP B 144 -17.69 -1.68 19.72
C ASP B 144 -17.91 -3.19 19.86
N VAL B 145 -17.56 -3.90 18.79
CA VAL B 145 -17.78 -5.34 18.72
C VAL B 145 -16.55 -6.06 19.24
N SER B 146 -16.79 -7.21 19.87
CA SER B 146 -15.70 -8.08 20.29
C SER B 146 -15.13 -8.81 19.08
N GLU B 147 -13.98 -9.46 19.28
CA GLU B 147 -13.41 -10.29 18.21
C GLU B 147 -14.34 -11.44 17.87
N GLU B 148 -15.04 -11.99 18.85
CA GLU B 148 -15.99 -13.06 18.58
C GLU B 148 -17.20 -12.55 17.80
N GLU B 149 -17.73 -11.39 18.19
CA GLU B 149 -18.87 -10.82 17.47
C GLU B 149 -18.50 -10.47 16.04
N LEU B 150 -17.35 -9.81 15.86
CA LEU B 150 -16.88 -9.45 14.53
C LEU B 150 -16.74 -10.69 13.65
N HIS B 151 -16.16 -11.77 14.20
CA HIS B 151 -15.95 -12.98 13.42
C HIS B 151 -17.26 -13.61 12.98
N LYS B 152 -18.25 -13.66 13.88
CA LYS B 152 -19.54 -14.24 13.53
C LYS B 152 -20.23 -13.47 12.42
N ILE B 153 -20.17 -12.14 12.47
CA ILE B 153 -20.86 -11.33 11.48
C ILE B 153 -20.15 -11.39 10.13
N LEU B 154 -18.82 -11.38 10.13
CA LEU B 154 -18.09 -11.54 8.88
C LEU B 154 -18.39 -12.88 8.24
N LEU B 155 -18.51 -13.94 9.05
CA LEU B 155 -18.91 -15.24 8.52
C LEU B 155 -20.32 -15.18 7.93
N LYS B 156 -21.25 -14.58 8.67
CA LYS B 156 -22.65 -14.58 8.24
C LYS B 156 -22.84 -13.78 6.96
N GLU B 157 -22.09 -12.69 6.78
CA GLU B 157 -22.32 -11.78 5.68
C GLU B 157 -21.40 -11.99 4.49
N LEU B 158 -20.15 -12.44 4.71
CA LEU B 158 -19.19 -12.56 3.62
C LEU B 158 -19.07 -13.98 3.07
N VAL B 159 -19.53 -14.99 3.79
CA VAL B 159 -19.48 -16.37 3.32
C VAL B 159 -20.81 -16.70 2.65
N THR B 160 -20.74 -17.21 1.42
CA THR B 160 -21.93 -17.55 0.67
C THR B 160 -22.24 -19.04 0.78
C4 8G2 C . -10.63 -16.77 9.91
C5 8G2 C . -10.34 -17.50 11.06
C6 8G2 C . -11.03 -18.68 11.29
C7 8G2 C . -11.99 -19.12 10.41
C8 8G2 C . -9.26 -17.04 12.00
O1 8G2 C . -13.91 -19.93 8.42
C1 8G2 C . -13.29 -18.91 8.28
O 8G2 C . -13.44 -18.10 7.23
C 8G2 C . -14.36 -18.55 6.22
C2 8G2 C . -12.29 -18.41 9.25
C3 8G2 C . -11.60 -17.22 9.02
N 8G2 C . -9.77 -16.08 13.01
#